data_2ND8
#
_entry.id   2ND8
#
_entity_poly.entity_id   1
_entity_poly.type   'polypeptide(L)'
_entity_poly.pdbx_seq_one_letter_code
;DRQIKIWFQNRRMKWKK
;
_entity_poly.pdbx_strand_id   A
#
# COMPACT_ATOMS: atom_id res chain seq x y z
N ASP A 1 -3.68 -3.58 -3.72
CA ASP A 1 -3.38 -4.99 -3.49
C ASP A 1 -2.10 -5.40 -4.21
N ARG A 2 -1.16 -5.97 -3.46
CA ARG A 2 0.11 -6.40 -4.03
C ARG A 2 0.31 -7.90 -3.82
N GLN A 3 0.64 -8.29 -2.59
CA GLN A 3 0.86 -9.70 -2.28
C GLN A 3 -0.11 -10.17 -1.19
N ILE A 4 0.15 -9.77 0.05
CA ILE A 4 -0.69 -10.15 1.17
C ILE A 4 -1.28 -8.92 1.86
N LYS A 5 -0.47 -7.87 1.95
CA LYS A 5 -0.90 -6.63 2.59
C LYS A 5 -1.68 -5.75 1.61
N ILE A 6 -2.90 -6.17 1.30
CA ILE A 6 -3.75 -5.42 0.37
C ILE A 6 -4.41 -4.24 1.07
N TRP A 7 -4.71 -4.41 2.36
CA TRP A 7 -5.35 -3.35 3.14
C TRP A 7 -4.32 -2.30 3.57
N PHE A 8 -3.24 -2.76 4.17
CA PHE A 8 -2.18 -1.86 4.63
C PHE A 8 -1.57 -1.09 3.47
N GLN A 9 -1.79 -1.59 2.25
CA GLN A 9 -1.26 -0.94 1.06
C GLN A 9 -1.73 0.51 0.98
N ASN A 10 -2.85 0.81 1.62
CA ASN A 10 -3.39 2.17 1.62
C ASN A 10 -2.39 3.15 2.22
N ARG A 11 -1.37 2.62 2.88
CA ARG A 11 -0.35 3.46 3.51
C ARG A 11 0.83 3.67 2.57
N ARG A 12 1.00 2.74 1.62
CA ARG A 12 2.09 2.82 0.66
C ARG A 12 1.56 3.07 -0.74
N MET A 13 0.72 4.08 -0.89
CA MET A 13 0.14 4.42 -2.18
C MET A 13 0.50 5.85 -2.58
N LYS A 14 -0.17 6.82 -1.97
CA LYS A 14 0.09 8.22 -2.27
C LYS A 14 1.03 8.84 -1.23
N TRP A 15 1.60 7.99 -0.39
CA TRP A 15 2.51 8.45 0.66
C TRP A 15 3.94 8.03 0.34
N LYS A 16 4.09 6.95 -0.42
CA LYS A 16 5.41 6.45 -0.79
C LYS A 16 6.23 7.53 -1.48
N LYS A 17 5.54 8.49 -2.10
CA LYS A 17 6.20 9.59 -2.80
C LYS A 17 7.20 10.28 -1.88
N ASP A 1 2.07 -4.38 -3.69
CA ASP A 1 0.86 -5.10 -3.31
C ASP A 1 0.76 -6.43 -4.04
N ARG A 2 0.59 -7.51 -3.28
CA ARG A 2 0.49 -8.84 -3.85
C ARG A 2 -0.85 -9.48 -3.49
N GLN A 3 -0.98 -9.93 -2.25
CA GLN A 3 -2.21 -10.56 -1.79
C GLN A 3 -2.81 -9.79 -0.62
N ILE A 4 -2.20 -9.94 0.55
CA ILE A 4 -2.67 -9.26 1.75
C ILE A 4 -2.09 -7.85 1.85
N LYS A 5 -0.96 -7.63 1.19
CA LYS A 5 -0.31 -6.33 1.19
C LYS A 5 -1.20 -5.27 0.56
N ILE A 6 -2.13 -5.72 -0.28
CA ILE A 6 -3.05 -4.80 -0.95
C ILE A 6 -3.80 -3.93 0.05
N TRP A 7 -4.04 -4.49 1.23
CA TRP A 7 -4.75 -3.77 2.29
C TRP A 7 -3.84 -2.73 2.94
N PHE A 8 -2.68 -3.19 3.40
CA PHE A 8 -1.72 -2.32 4.05
C PHE A 8 -1.19 -1.26 3.08
N GLN A 9 -1.36 -1.53 1.79
CA GLN A 9 -0.90 -0.61 0.76
C GLN A 9 -1.53 0.77 0.94
N ASN A 10 -2.68 0.81 1.60
CA ASN A 10 -3.38 2.06 1.83
C ASN A 10 -2.51 3.04 2.63
N ARG A 11 -1.43 2.52 3.19
CA ARG A 11 -0.52 3.34 3.99
C ARG A 11 0.48 4.06 3.08
N ARG A 12 0.75 3.46 1.92
CA ARG A 12 1.69 4.03 0.97
C ARG A 12 1.01 4.32 -0.37
N MET A 13 0.20 5.38 -0.40
CA MET A 13 -0.51 5.75 -1.62
C MET A 13 -0.13 7.16 -2.05
N LYS A 14 -0.67 8.16 -1.37
CA LYS A 14 -0.39 9.55 -1.69
C LYS A 14 0.82 10.05 -0.90
N TRP A 15 1.54 9.12 -0.26
CA TRP A 15 2.71 9.47 0.52
C TRP A 15 3.98 9.35 -0.32
N LYS A 16 3.96 8.44 -1.28
CA LYS A 16 5.10 8.20 -2.15
C LYS A 16 5.33 9.41 -3.07
N LYS A 17 4.26 10.14 -3.35
CA LYS A 17 4.34 11.32 -4.21
C LYS A 17 5.23 12.39 -3.59
N ASP A 1 3.30 -7.30 -2.66
CA ASP A 1 1.86 -7.45 -2.47
C ASP A 1 1.43 -8.89 -2.68
N ARG A 2 0.74 -9.45 -1.70
CA ARG A 2 0.27 -10.82 -1.78
C ARG A 2 -1.26 -10.88 -1.68
N GLN A 3 -1.78 -10.70 -0.46
CA GLN A 3 -3.21 -10.74 -0.22
C GLN A 3 -3.71 -9.42 0.34
N ILE A 4 -3.42 -9.19 1.62
CA ILE A 4 -3.83 -7.96 2.29
C ILE A 4 -2.78 -6.86 2.13
N LYS A 5 -1.54 -7.28 1.92
CA LYS A 5 -0.43 -6.35 1.76
C LYS A 5 -0.73 -5.34 0.65
N ILE A 6 -1.55 -5.75 -0.31
CA ILE A 6 -1.92 -4.89 -1.42
C ILE A 6 -2.50 -3.57 -0.93
N TRP A 7 -3.18 -3.62 0.22
CA TRP A 7 -3.78 -2.42 0.80
C TRP A 7 -2.71 -1.47 1.32
N PHE A 8 -1.86 -1.97 2.20
CA PHE A 8 -0.79 -1.15 2.77
C PHE A 8 0.20 -0.72 1.69
N GLN A 9 0.24 -1.48 0.59
CA GLN A 9 1.14 -1.16 -0.51
C GLN A 9 0.84 0.21 -1.09
N ASN A 10 -0.41 0.65 -0.94
CA ASN A 10 -0.84 1.95 -1.45
C ASN A 10 -0.05 3.07 -0.79
N ARG A 11 0.67 2.74 0.28
CA ARG A 11 1.47 3.73 0.99
C ARG A 11 2.74 4.07 0.22
N ARG A 12 3.16 3.17 -0.65
CA ARG A 12 4.36 3.37 -1.45
C ARG A 12 4.25 4.63 -2.29
N MET A 13 3.02 5.07 -2.51
CA MET A 13 2.77 6.28 -3.30
C MET A 13 2.10 7.36 -2.46
N LYS A 14 1.48 6.94 -1.36
CA LYS A 14 0.80 7.87 -0.47
C LYS A 14 1.79 8.55 0.47
N TRP A 15 2.93 8.94 -0.07
CA TRP A 15 3.97 9.60 0.73
C TRP A 15 4.12 11.06 0.31
N LYS A 16 3.85 11.34 -0.96
CA LYS A 16 3.96 12.69 -1.49
C LYS A 16 3.07 13.66 -0.69
N LYS A 17 2.01 13.12 -0.10
CA LYS A 17 1.09 13.94 0.69
C LYS A 17 1.57 14.08 2.12
N ASP A 1 -0.94 -5.36 -2.98
CA ASP A 1 -1.35 -5.70 -4.34
C ASP A 1 -1.04 -7.16 -4.65
N ARG A 2 -0.69 -7.92 -3.61
CA ARG A 2 -0.36 -9.34 -3.77
C ARG A 2 -1.30 -10.20 -2.93
N GLN A 3 -1.05 -10.25 -1.63
CA GLN A 3 -1.87 -11.05 -0.72
C GLN A 3 -2.50 -10.17 0.35
N ILE A 4 -1.69 -9.76 1.33
CA ILE A 4 -2.18 -8.91 2.41
C ILE A 4 -1.64 -7.49 2.29
N LYS A 5 -0.53 -7.35 1.58
CA LYS A 5 0.10 -6.05 1.38
C LYS A 5 -0.89 -5.08 0.74
N ILE A 6 -1.91 -5.61 0.08
CA ILE A 6 -2.93 -4.78 -0.56
C ILE A 6 -3.47 -3.73 0.40
N TRP A 7 -3.53 -4.07 1.68
CA TRP A 7 -4.03 -3.16 2.70
C TRP A 7 -3.01 -2.05 2.98
N PHE A 8 -1.79 -2.44 3.30
CA PHE A 8 -0.73 -1.49 3.60
C PHE A 8 -0.45 -0.59 2.38
N GLN A 9 -0.87 -1.05 1.21
CA GLN A 9 -0.68 -0.29 -0.02
C GLN A 9 -1.57 0.95 -0.04
N ASN A 10 -2.67 0.90 0.70
CA ASN A 10 -3.60 2.02 0.77
C ASN A 10 -2.90 3.27 1.28
N ARG A 11 -1.71 3.10 1.85
CA ARG A 11 -0.95 4.23 2.38
C ARG A 11 0.40 4.35 1.67
N ARG A 12 0.46 3.82 0.45
CA ARG A 12 1.70 3.87 -0.33
C ARG A 12 1.47 4.63 -1.64
N MET A 13 0.27 4.51 -2.20
CA MET A 13 -0.06 5.17 -3.45
C MET A 13 0.38 6.63 -3.43
N LYS A 14 -0.37 7.47 -2.73
CA LYS A 14 -0.04 8.88 -2.63
C LYS A 14 1.23 9.09 -1.79
N TRP A 15 1.67 8.04 -1.13
CA TRP A 15 2.87 8.11 -0.30
C TRP A 15 4.13 8.14 -1.17
N LYS A 16 3.97 7.84 -2.45
CA LYS A 16 5.08 7.84 -3.39
C LYS A 16 5.87 9.14 -3.31
N LYS A 17 5.16 10.24 -3.06
CA LYS A 17 5.78 11.55 -2.96
C LYS A 17 6.78 11.58 -1.81
N ASP A 1 3.41 -7.59 1.65
CA ASP A 1 3.14 -9.03 1.59
C ASP A 1 2.63 -9.43 0.21
N ARG A 2 2.10 -10.64 0.11
CA ARG A 2 1.57 -11.14 -1.15
C ARG A 2 0.06 -11.39 -1.05
N GLN A 3 -0.40 -11.76 0.13
CA GLN A 3 -1.82 -12.02 0.36
C GLN A 3 -2.60 -10.72 0.43
N ILE A 4 -2.24 -9.87 1.38
CA ILE A 4 -2.92 -8.59 1.54
C ILE A 4 -1.94 -7.43 1.41
N LYS A 5 -1.61 -7.08 0.17
CA LYS A 5 -0.69 -5.98 -0.11
C LYS A 5 -1.44 -4.72 -0.53
N ILE A 6 -2.54 -4.92 -1.26
CA ILE A 6 -3.35 -3.81 -1.73
C ILE A 6 -3.90 -2.98 -0.56
N TRP A 7 -4.16 -3.66 0.55
CA TRP A 7 -4.69 -3.00 1.75
C TRP A 7 -3.64 -2.07 2.35
N PHE A 8 -2.48 -2.63 2.67
CA PHE A 8 -1.39 -1.87 3.26
C PHE A 8 -0.84 -0.85 2.26
N GLN A 9 -1.02 -1.14 0.98
CA GLN A 9 -0.53 -0.25 -0.08
C GLN A 9 -1.10 1.15 0.09
N ASN A 10 -2.26 1.24 0.72
CA ASN A 10 -2.91 2.53 0.94
C ASN A 10 -2.03 3.45 1.80
N ARG A 11 -1.00 2.87 2.39
CA ARG A 11 -0.09 3.62 3.24
C ARG A 11 1.09 4.15 2.44
N ARG A 12 1.40 3.48 1.33
CA ARG A 12 2.51 3.88 0.47
C ARG A 12 2.00 4.32 -0.90
N MET A 13 1.07 5.27 -0.90
CA MET A 13 0.50 5.79 -2.13
C MET A 13 0.74 7.29 -2.26
N LYS A 14 -0.03 8.07 -1.51
CA LYS A 14 0.11 9.52 -1.54
C LYS A 14 1.10 9.99 -0.48
N TRP A 15 1.83 9.06 0.09
CA TRP A 15 2.82 9.37 1.12
C TRP A 15 3.80 10.42 0.61
N LYS A 16 4.09 10.38 -0.68
CA LYS A 16 5.01 11.33 -1.29
C LYS A 16 4.52 12.76 -1.11
N LYS A 17 3.21 12.92 -1.04
CA LYS A 17 2.61 14.24 -0.86
C LYS A 17 2.43 14.57 0.62
N ASP A 1 0.85 -11.71 -1.39
CA ASP A 1 1.20 -10.30 -1.59
C ASP A 1 -0.02 -9.49 -2.00
N ARG A 2 -1.20 -10.11 -1.88
CA ARG A 2 -2.44 -9.43 -2.23
C ARG A 2 -3.35 -9.27 -1.01
N GLN A 3 -3.08 -10.07 0.02
CA GLN A 3 -3.87 -10.02 1.24
C GLN A 3 -3.78 -8.65 1.89
N ILE A 4 -2.61 -8.34 2.45
CA ILE A 4 -2.40 -7.06 3.12
C ILE A 4 -1.32 -6.25 2.39
N LYS A 5 -0.46 -6.94 1.66
CA LYS A 5 0.61 -6.29 0.91
C LYS A 5 0.06 -5.15 0.07
N ILE A 6 -0.78 -5.48 -0.90
CA ILE A 6 -1.38 -4.47 -1.78
C ILE A 6 -2.19 -3.46 -0.98
N TRP A 7 -2.77 -3.91 0.12
CA TRP A 7 -3.58 -3.04 0.98
C TRP A 7 -2.73 -1.90 1.54
N PHE A 8 -1.61 -2.26 2.16
CA PHE A 8 -0.71 -1.28 2.75
C PHE A 8 0.12 -0.60 1.67
N GLN A 9 0.25 -1.25 0.52
CA GLN A 9 1.02 -0.70 -0.58
C GLN A 9 0.52 0.69 -0.98
N ASN A 10 -0.76 0.94 -0.69
CA ASN A 10 -1.36 2.23 -1.01
C ASN A 10 -0.67 3.36 -0.28
N ARG A 11 0.16 3.00 0.70
CA ARG A 11 0.89 4.00 1.48
C ARG A 11 2.32 4.16 0.93
N ARG A 12 2.81 3.14 0.25
CA ARG A 12 4.15 3.18 -0.32
C ARG A 12 4.32 4.38 -1.26
N MET A 13 3.73 4.26 -2.45
CA MET A 13 3.81 5.34 -3.44
C MET A 13 3.26 6.64 -2.88
N LYS A 14 2.33 6.53 -1.93
CA LYS A 14 1.73 7.70 -1.30
C LYS A 14 2.70 8.35 -0.32
N TRP A 15 3.92 7.84 -0.26
CA TRP A 15 4.94 8.37 0.63
C TRP A 15 5.08 9.88 0.45
N LYS A 16 4.83 10.36 -0.76
CA LYS A 16 4.92 11.78 -1.05
C LYS A 16 4.10 12.60 -0.06
N LYS A 17 3.01 12.01 0.42
CA LYS A 17 2.14 12.69 1.38
C LYS A 17 2.74 12.62 2.79
N ASP A 1 2.81 -7.74 -0.39
CA ASP A 1 1.96 -6.56 -0.43
C ASP A 1 0.59 -6.91 -1.03
N ARG A 2 0.45 -8.13 -1.51
CA ARG A 2 -0.79 -8.59 -2.11
C ARG A 2 -1.35 -9.79 -1.35
N GLN A 3 -0.59 -10.29 -0.40
CA GLN A 3 -1.01 -11.43 0.41
C GLN A 3 -2.21 -11.08 1.29
N ILE A 4 -1.95 -10.37 2.38
CA ILE A 4 -3.00 -9.97 3.30
C ILE A 4 -3.06 -8.44 3.43
N LYS A 5 -1.93 -7.79 3.21
CA LYS A 5 -1.87 -6.33 3.29
C LYS A 5 -2.11 -5.70 1.93
N ILE A 6 -3.11 -6.21 1.22
CA ILE A 6 -3.45 -5.69 -0.11
C ILE A 6 -3.90 -4.23 -0.02
N TRP A 7 -4.47 -3.86 1.12
CA TRP A 7 -4.95 -2.49 1.33
C TRP A 7 -3.79 -1.56 1.67
N PHE A 8 -3.00 -1.95 2.67
CA PHE A 8 -1.86 -1.14 3.10
C PHE A 8 -0.86 -0.97 1.96
N GLN A 9 -0.96 -1.84 0.96
CA GLN A 9 -0.06 -1.79 -0.19
C GLN A 9 -0.11 -0.41 -0.85
N ASN A 10 -1.23 0.28 -0.69
CA ASN A 10 -1.40 1.61 -1.27
C ASN A 10 -0.31 2.56 -0.78
N ARG A 11 0.37 2.17 0.29
CA ARG A 11 1.43 2.99 0.86
C ARG A 11 2.61 3.12 -0.11
N ARG A 12 2.69 2.18 -1.05
CA ARG A 12 3.76 2.18 -2.04
C ARG A 12 3.89 3.56 -2.69
N MET A 13 2.76 4.18 -2.99
CA MET A 13 2.75 5.49 -3.60
C MET A 13 2.10 6.53 -2.69
N LYS A 14 1.31 6.05 -1.74
CA LYS A 14 0.64 6.93 -0.80
C LYS A 14 1.57 7.33 0.34
N TRP A 15 2.82 7.63 0.00
CA TRP A 15 3.80 8.02 0.99
C TRP A 15 3.86 9.54 1.13
N LYS A 16 3.60 10.24 0.04
CA LYS A 16 3.61 11.70 0.03
C LYS A 16 2.51 12.26 0.93
N LYS A 17 1.44 11.49 1.06
CA LYS A 17 0.30 11.90 1.89
C LYS A 17 0.13 10.97 3.08
N ASP A 1 4.92 -10.27 -0.25
CA ASP A 1 3.87 -11.08 -0.86
C ASP A 1 2.77 -10.20 -1.44
N ARG A 2 1.64 -10.80 -1.78
CA ARG A 2 0.52 -10.06 -2.35
C ARG A 2 -0.66 -10.02 -1.38
N GLN A 3 -0.72 -10.99 -0.48
CA GLN A 3 -1.79 -11.07 0.50
C GLN A 3 -1.52 -10.13 1.68
N ILE A 4 -0.33 -10.27 2.27
CA ILE A 4 0.05 -9.43 3.40
C ILE A 4 -0.09 -7.95 3.07
N LYS A 5 0.21 -7.60 1.82
CA LYS A 5 0.11 -6.22 1.37
C LYS A 5 -1.06 -6.04 0.40
N ILE A 6 -2.28 -6.09 0.95
CA ILE A 6 -3.47 -5.93 0.12
C ILE A 6 -4.03 -4.51 0.24
N TRP A 7 -3.85 -3.91 1.41
CA TRP A 7 -4.34 -2.55 1.64
C TRP A 7 -3.19 -1.62 1.99
N PHE A 8 -1.98 -2.17 2.04
CA PHE A 8 -0.80 -1.37 2.38
C PHE A 8 -0.44 -0.44 1.23
N GLN A 9 -1.22 -0.50 0.15
CA GLN A 9 -0.97 0.35 -1.01
C GLN A 9 -1.60 1.73 -0.81
N ASN A 10 -2.61 1.79 0.05
CA ASN A 10 -3.30 3.05 0.33
C ASN A 10 -2.35 4.07 0.93
N ARG A 11 -1.16 3.62 1.32
CA ARG A 11 -0.16 4.49 1.91
C ARG A 11 1.12 4.50 1.08
N ARG A 12 0.99 4.11 -0.19
CA ARG A 12 2.13 4.07 -1.10
C ARG A 12 1.96 5.11 -2.21
N MET A 13 1.07 6.07 -1.99
CA MET A 13 0.82 7.12 -2.98
C MET A 13 1.10 8.49 -2.39
N LYS A 14 0.17 8.98 -1.56
CA LYS A 14 0.32 10.28 -0.92
C LYS A 14 0.93 10.14 0.47
N TRP A 15 1.42 8.95 0.77
CA TRP A 15 2.03 8.69 2.08
C TRP A 15 3.55 8.54 1.95
N LYS A 16 3.98 8.00 0.82
CA LYS A 16 5.41 7.79 0.57
C LYS A 16 6.18 9.10 0.75
N LYS A 17 5.54 10.21 0.40
CA LYS A 17 6.16 11.52 0.52
C LYS A 17 6.43 11.87 1.99
N ASP A 1 2.16 -3.97 3.22
CA ASP A 1 2.66 -4.42 1.92
C ASP A 1 1.53 -4.49 0.90
N ARG A 2 1.80 -5.13 -0.23
CA ARG A 2 0.80 -5.27 -1.29
C ARG A 2 0.44 -6.73 -1.51
N GLN A 3 1.35 -7.63 -1.15
CA GLN A 3 1.12 -9.05 -1.32
C GLN A 3 -0.21 -9.47 -0.69
N ILE A 4 -0.24 -9.53 0.63
CA ILE A 4 -1.46 -9.91 1.35
C ILE A 4 -2.18 -8.69 1.89
N LYS A 5 -1.42 -7.65 2.20
CA LYS A 5 -1.99 -6.41 2.73
C LYS A 5 -2.67 -5.62 1.62
N ILE A 6 -3.82 -6.11 1.17
CA ILE A 6 -4.57 -5.45 0.11
C ILE A 6 -5.09 -4.09 0.57
N TRP A 7 -5.34 -3.97 1.87
CA TRP A 7 -5.83 -2.72 2.44
C TRP A 7 -4.70 -1.71 2.59
N PHE A 8 -3.59 -2.15 3.17
CA PHE A 8 -2.45 -1.28 3.37
C PHE A 8 -1.68 -1.06 2.07
N GLN A 9 -2.10 -1.78 1.02
CA GLN A 9 -1.46 -1.67 -0.29
C GLN A 9 -1.49 -0.23 -0.78
N ASN A 10 -2.44 0.54 -0.28
CA ASN A 10 -2.58 1.94 -0.68
C ASN A 10 -1.30 2.73 -0.37
N ARG A 11 -0.43 2.14 0.45
CA ARG A 11 0.82 2.77 0.81
C ARG A 11 1.95 2.32 -0.11
N ARG A 12 1.59 1.65 -1.20
CA ARG A 12 2.57 1.17 -2.16
C ARG A 12 3.00 2.28 -3.11
N MET A 13 2.09 3.22 -3.36
CA MET A 13 2.38 4.34 -4.25
C MET A 13 2.27 5.66 -3.50
N LYS A 14 1.56 5.66 -2.39
CA LYS A 14 1.38 6.86 -1.58
C LYS A 14 2.60 7.10 -0.69
N TRP A 15 3.80 6.93 -1.27
CA TRP A 15 5.04 7.12 -0.52
C TRP A 15 5.50 8.57 -0.63
N LYS A 16 5.14 9.23 -1.73
CA LYS A 16 5.53 10.61 -1.96
C LYS A 16 4.87 11.53 -0.93
N LYS A 17 3.72 11.11 -0.41
CA LYS A 17 3.00 11.90 0.58
C LYS A 17 3.37 11.46 1.99
N ASP A 1 -1.26 -3.55 -3.36
CA ASP A 1 -1.56 -3.60 -4.79
C ASP A 1 -0.89 -4.79 -5.45
N ARG A 2 -0.35 -5.69 -4.63
CA ARG A 2 0.32 -6.88 -5.14
C ARG A 2 -0.53 -8.13 -4.92
N GLN A 3 -0.58 -8.60 -3.69
CA GLN A 3 -1.36 -9.78 -3.34
C GLN A 3 -2.43 -9.45 -2.30
N ILE A 4 -2.00 -9.27 -1.06
CA ILE A 4 -2.92 -8.95 0.02
C ILE A 4 -2.63 -7.57 0.61
N LYS A 5 -1.40 -7.11 0.42
CA LYS A 5 -0.99 -5.80 0.93
C LYS A 5 -1.56 -4.68 0.07
N ILE A 6 -2.87 -4.47 0.17
CA ILE A 6 -3.54 -3.42 -0.59
C ILE A 6 -4.12 -2.35 0.32
N TRP A 7 -4.16 -2.65 1.62
CA TRP A 7 -4.68 -1.71 2.60
C TRP A 7 -3.56 -1.00 3.34
N PHE A 8 -2.58 -1.78 3.80
CA PHE A 8 -1.45 -1.24 4.53
C PHE A 8 -0.40 -0.67 3.56
N GLN A 9 -0.68 -0.80 2.27
CA GLN A 9 0.24 -0.31 1.24
C GLN A 9 0.04 1.19 1.03
N ASN A 10 -1.15 1.67 1.33
CA ASN A 10 -1.46 3.10 1.15
C ASN A 10 -0.56 3.96 2.03
N ARG A 11 0.14 3.32 2.96
CA ARG A 11 1.04 4.03 3.86
C ARG A 11 2.49 3.84 3.44
N ARG A 12 2.75 2.80 2.64
CA ARG A 12 4.09 2.50 2.17
C ARG A 12 4.68 3.69 1.43
N MET A 13 4.21 3.91 0.20
CA MET A 13 4.70 5.01 -0.62
C MET A 13 3.56 5.98 -0.96
N LYS A 14 2.33 5.48 -0.86
CA LYS A 14 1.16 6.31 -1.15
C LYS A 14 0.80 7.19 0.04
N TRP A 15 1.80 7.78 0.65
CA TRP A 15 1.60 8.64 1.81
C TRP A 15 0.60 9.76 1.48
N LYS A 16 0.70 10.30 0.27
CA LYS A 16 -0.18 11.36 -0.18
C LYS A 16 -1.64 10.98 0.04
N LYS A 17 -1.95 9.70 -0.12
CA LYS A 17 -3.31 9.21 0.07
C LYS A 17 -3.36 8.15 1.17
N ASP A 1 -0.35 -11.97 3.03
CA ASP A 1 -0.45 -12.36 1.62
C ASP A 1 -0.44 -11.13 0.73
N ARG A 2 -0.78 -11.33 -0.54
CA ARG A 2 -0.81 -10.23 -1.51
C ARG A 2 -1.98 -9.30 -1.24
N GLN A 3 -3.04 -9.84 -0.64
CA GLN A 3 -4.23 -9.05 -0.34
C GLN A 3 -3.88 -7.86 0.55
N ILE A 4 -3.23 -8.13 1.68
CA ILE A 4 -2.84 -7.08 2.61
C ILE A 4 -1.75 -6.20 2.01
N LYS A 5 -0.92 -6.79 1.15
CA LYS A 5 0.16 -6.05 0.51
C LYS A 5 -0.37 -4.82 -0.21
N ILE A 6 -1.10 -5.05 -1.30
CA ILE A 6 -1.67 -3.95 -2.08
C ILE A 6 -2.52 -3.04 -1.20
N TRP A 7 -3.15 -3.62 -0.19
CA TRP A 7 -4.00 -2.86 0.72
C TRP A 7 -3.18 -1.83 1.49
N PHE A 8 -2.10 -2.28 2.12
CA PHE A 8 -1.24 -1.40 2.89
C PHE A 8 -0.37 -0.55 1.97
N GLN A 9 -0.23 -0.99 0.72
CA GLN A 9 0.57 -0.27 -0.26
C GLN A 9 -0.10 1.04 -0.66
N ASN A 10 -1.41 1.08 -0.52
CA ASN A 10 -2.18 2.28 -0.88
C ASN A 10 -1.72 3.47 -0.04
N ARG A 11 -0.98 3.20 1.01
CA ARG A 11 -0.47 4.25 1.89
C ARG A 11 1.05 4.25 1.93
N ARG A 12 1.66 3.79 0.85
CA ARG A 12 3.12 3.74 0.75
C ARG A 12 3.64 4.75 -0.26
N MET A 13 3.47 4.43 -1.55
CA MET A 13 3.91 5.31 -2.62
C MET A 13 3.30 6.70 -2.48
N LYS A 14 2.15 6.76 -1.82
CA LYS A 14 1.45 8.03 -1.62
C LYS A 14 2.14 8.86 -0.54
N TRP A 15 3.29 8.38 -0.07
CA TRP A 15 4.04 9.07 0.97
C TRP A 15 4.28 10.52 0.58
N LYS A 16 4.40 10.78 -0.73
CA LYS A 16 4.64 12.12 -1.23
C LYS A 16 3.55 13.08 -0.75
N LYS A 17 2.33 12.55 -0.59
CA LYS A 17 1.21 13.36 -0.13
C LYS A 17 1.05 13.26 1.38
N ASP A 1 3.12 -9.94 -0.08
CA ASP A 1 3.50 -8.54 -0.22
C ASP A 1 2.47 -7.77 -1.03
N ARG A 2 1.75 -8.48 -1.89
CA ARG A 2 0.73 -7.85 -2.74
C ARG A 2 -0.64 -8.46 -2.47
N GLN A 3 -0.66 -9.53 -1.67
CA GLN A 3 -1.91 -10.21 -1.34
C GLN A 3 -2.40 -9.81 0.04
N ILE A 4 -1.52 -9.92 1.03
CA ILE A 4 -1.87 -9.56 2.40
C ILE A 4 -1.79 -8.05 2.61
N LYS A 5 -1.00 -7.39 1.77
CA LYS A 5 -0.84 -5.94 1.86
C LYS A 5 -1.77 -5.22 0.88
N ILE A 6 -2.87 -5.87 0.53
CA ILE A 6 -3.83 -5.29 -0.39
C ILE A 6 -4.54 -4.08 0.23
N TRP A 7 -4.73 -4.14 1.54
CA TRP A 7 -5.39 -3.05 2.25
C TRP A 7 -4.40 -1.93 2.57
N PHE A 8 -3.25 -2.30 3.14
CA PHE A 8 -2.22 -1.33 3.49
C PHE A 8 -1.55 -0.76 2.24
N GLN A 9 -1.84 -1.38 1.09
CA GLN A 9 -1.27 -0.93 -0.17
C GLN A 9 -1.58 0.54 -0.41
N ASN A 10 -2.67 1.02 0.17
CA ASN A 10 -3.07 2.41 0.01
C ASN A 10 -2.00 3.36 0.54
N ARG A 11 -1.04 2.80 1.27
CA ARG A 11 0.05 3.59 1.83
C ARG A 11 1.41 3.10 1.32
N ARG A 12 1.39 1.98 0.62
CA ARG A 12 2.62 1.40 0.07
C ARG A 12 3.10 2.20 -1.12
N MET A 13 2.20 2.96 -1.73
CA MET A 13 2.55 3.78 -2.89
C MET A 13 2.35 5.27 -2.59
N LYS A 14 1.54 5.55 -1.57
CA LYS A 14 1.27 6.93 -1.17
C LYS A 14 2.40 7.47 -0.29
N TRP A 15 3.63 7.17 -0.67
CA TRP A 15 4.80 7.62 0.08
C TRP A 15 5.12 9.08 -0.24
N LYS A 16 4.76 9.50 -1.44
CA LYS A 16 5.01 10.87 -1.88
C LYS A 16 4.13 11.85 -1.10
N LYS A 17 2.96 11.38 -0.67
CA LYS A 17 2.04 12.21 0.09
C LYS A 17 1.97 11.77 1.55
N ASP A 1 -0.63 -6.29 -4.23
CA ASP A 1 -1.60 -6.99 -3.40
C ASP A 1 -1.34 -8.49 -3.38
N ARG A 2 -1.06 -9.03 -2.21
CA ARG A 2 -0.78 -10.45 -2.06
C ARG A 2 -1.78 -11.10 -1.09
N GLN A 3 -1.54 -10.91 0.20
CA GLN A 3 -2.42 -11.48 1.22
C GLN A 3 -3.02 -10.38 2.10
N ILE A 4 -2.19 -9.75 2.91
CA ILE A 4 -2.63 -8.69 3.80
C ILE A 4 -2.02 -7.34 3.39
N LYS A 5 -0.92 -7.40 2.64
CA LYS A 5 -0.25 -6.19 2.19
C LYS A 5 -1.18 -5.32 1.37
N ILE A 6 -2.25 -5.92 0.86
CA ILE A 6 -3.23 -5.19 0.06
C ILE A 6 -3.67 -3.91 0.77
N TRP A 7 -3.69 -3.94 2.09
CA TRP A 7 -4.09 -2.79 2.88
C TRP A 7 -3.04 -1.70 2.83
N PHE A 8 -1.78 -2.08 3.04
CA PHE A 8 -0.68 -1.14 3.02
C PHE A 8 -0.32 -0.75 1.59
N GLN A 9 -0.95 -1.43 0.63
CA GLN A 9 -0.70 -1.16 -0.78
C GLN A 9 -1.43 0.11 -1.24
N ASN A 10 -2.52 0.43 -0.55
CA ASN A 10 -3.31 1.61 -0.88
C ASN A 10 -2.46 2.88 -0.76
N ARG A 11 -1.29 2.76 -0.14
CA ARG A 11 -0.40 3.89 0.05
C ARG A 11 0.95 3.63 -0.61
N ARG A 12 0.95 2.80 -1.65
CA ARG A 12 2.17 2.47 -2.37
C ARG A 12 2.76 3.71 -3.04
N MET A 13 1.91 4.68 -3.32
CA MET A 13 2.35 5.92 -3.96
C MET A 13 2.08 7.12 -3.05
N LYS A 14 1.15 6.95 -2.12
CA LYS A 14 0.80 8.02 -1.19
C LYS A 14 1.80 8.10 -0.04
N TRP A 15 3.09 7.99 -0.38
CA TRP A 15 4.15 8.06 0.62
C TRP A 15 5.05 9.27 0.39
N LYS A 16 5.15 9.69 -0.87
CA LYS A 16 5.97 10.84 -1.22
C LYS A 16 5.38 12.13 -0.66
N LYS A 17 4.07 12.14 -0.48
CA LYS A 17 3.38 13.30 0.06
C LYS A 17 3.85 13.60 1.49
N ASP A 1 5.62 -4.98 -2.29
CA ASP A 1 4.66 -6.01 -2.67
C ASP A 1 3.23 -5.53 -2.49
N ARG A 2 2.33 -5.99 -3.35
CA ARG A 2 0.93 -5.60 -3.28
C ARG A 2 0.05 -6.81 -2.96
N GLN A 3 0.52 -8.00 -3.33
CA GLN A 3 -0.24 -9.22 -3.09
C GLN A 3 -0.65 -9.33 -1.63
N ILE A 4 0.32 -9.20 -0.73
CA ILE A 4 0.06 -9.27 0.71
C ILE A 4 -0.42 -7.93 1.25
N LYS A 5 -0.04 -6.86 0.58
CA LYS A 5 -0.43 -5.52 1.00
C LYS A 5 -1.62 -5.02 0.16
N ILE A 6 -2.81 -5.49 0.52
CA ILE A 6 -4.02 -5.09 -0.18
C ILE A 6 -4.89 -4.19 0.69
N TRP A 7 -4.88 -4.45 1.98
CA TRP A 7 -5.67 -3.65 2.92
C TRP A 7 -4.89 -2.43 3.39
N PHE A 8 -3.63 -2.63 3.75
CA PHE A 8 -2.78 -1.55 4.22
C PHE A 8 -2.25 -0.73 3.05
N GLN A 9 -2.58 -1.16 1.84
CA GLN A 9 -2.14 -0.47 0.63
C GLN A 9 -2.56 1.00 0.66
N ASN A 10 -3.64 1.27 1.38
CA ASN A 10 -4.14 2.64 1.48
C ASN A 10 -3.14 3.54 2.19
N ARG A 11 -2.10 2.94 2.75
CA ARG A 11 -1.07 3.69 3.46
C ARG A 11 0.22 3.73 2.65
N ARG A 12 0.27 2.96 1.57
CA ARG A 12 1.44 2.91 0.72
C ARG A 12 1.14 3.49 -0.66
N MET A 13 -0.15 3.70 -0.94
CA MET A 13 -0.58 4.25 -2.22
C MET A 13 0.30 5.42 -2.63
N LYS A 14 0.08 6.57 -2.00
CA LYS A 14 0.85 7.78 -2.30
C LYS A 14 2.14 7.80 -1.48
N TRP A 15 2.40 6.73 -0.75
CA TRP A 15 3.60 6.64 0.07
C TRP A 15 4.74 5.96 -0.69
N LYS A 16 4.38 5.16 -1.68
CA LYS A 16 5.37 4.45 -2.49
C LYS A 16 6.27 5.43 -3.23
N LYS A 17 5.72 6.60 -3.56
CA LYS A 17 6.47 7.62 -4.26
C LYS A 17 7.76 7.96 -3.53
N ASP A 1 2.58 -9.86 1.35
CA ASP A 1 2.81 -8.90 0.26
C ASP A 1 2.43 -9.52 -1.08
N ARG A 2 2.09 -10.80 -1.07
CA ARG A 2 1.72 -11.51 -2.28
C ARG A 2 0.24 -11.93 -2.24
N GLN A 3 -0.25 -12.22 -1.04
CA GLN A 3 -1.63 -12.64 -0.87
C GLN A 3 -2.55 -11.43 -0.72
N ILE A 4 -2.29 -10.62 0.31
CA ILE A 4 -3.10 -9.43 0.56
C ILE A 4 -2.23 -8.18 0.55
N LYS A 5 -1.91 -7.69 -0.64
CA LYS A 5 -1.09 -6.49 -0.79
C LYS A 5 -1.96 -5.27 -1.04
N ILE A 6 -3.21 -5.33 -0.61
CA ILE A 6 -4.14 -4.23 -0.79
C ILE A 6 -4.57 -3.65 0.55
N TRP A 7 -4.26 -4.37 1.62
CA TRP A 7 -4.63 -3.93 2.97
C TRP A 7 -3.60 -2.93 3.51
N PHE A 8 -2.33 -3.32 3.46
CA PHE A 8 -1.25 -2.46 3.94
C PHE A 8 -0.93 -1.36 2.93
N GLN A 9 -1.32 -1.60 1.67
CA GLN A 9 -1.07 -0.64 0.60
C GLN A 9 -1.73 0.70 0.92
N ASN A 10 -2.79 0.67 1.73
CA ASN A 10 -3.51 1.87 2.09
C ASN A 10 -2.60 2.84 2.85
N ARG A 11 -1.43 2.34 3.27
CA ARG A 11 -0.48 3.16 4.00
C ARG A 11 0.50 3.83 3.04
N ARG A 12 0.72 3.22 1.88
CA ARG A 12 1.62 3.77 0.87
C ARG A 12 0.89 4.03 -0.43
N MET A 13 0.15 5.12 -0.49
CA MET A 13 -0.60 5.48 -1.68
C MET A 13 -0.16 6.84 -2.21
N LYS A 14 -0.61 7.91 -1.55
CA LYS A 14 -0.26 9.26 -1.94
C LYS A 14 0.88 9.80 -1.10
N TRP A 15 1.50 8.92 -0.32
CA TRP A 15 2.62 9.30 0.55
C TRP A 15 3.73 9.96 -0.27
N LYS A 16 3.84 9.55 -1.53
CA LYS A 16 4.87 10.09 -2.42
C LYS A 16 4.82 11.61 -2.44
N LYS A 17 3.63 12.17 -2.25
CA LYS A 17 3.44 13.62 -2.24
C LYS A 17 3.26 14.14 -0.83
N ASP A 1 2.53 -6.49 2.28
CA ASP A 1 2.82 -7.92 2.19
C ASP A 1 2.95 -8.35 0.73
N ARG A 2 2.92 -9.66 0.50
CA ARG A 2 3.05 -10.20 -0.85
C ARG A 2 1.70 -10.69 -1.36
N GLN A 3 0.88 -11.20 -0.45
CA GLN A 3 -0.44 -11.71 -0.80
C GLN A 3 -1.38 -10.58 -1.17
N ILE A 4 -1.66 -9.70 -0.21
CA ILE A 4 -2.54 -8.57 -0.45
C ILE A 4 -1.82 -7.24 -0.18
N LYS A 5 -1.03 -6.80 -1.15
CA LYS A 5 -0.28 -5.55 -1.03
C LYS A 5 -1.23 -4.36 -0.95
N ILE A 6 -2.36 -4.47 -1.66
CA ILE A 6 -3.35 -3.39 -1.66
C ILE A 6 -3.80 -3.05 -0.25
N TRP A 7 -3.80 -4.05 0.63
CA TRP A 7 -4.20 -3.86 2.02
C TRP A 7 -3.29 -2.85 2.72
N PHE A 8 -1.99 -3.11 2.65
CA PHE A 8 -1.00 -2.24 3.27
C PHE A 8 -0.80 -0.96 2.45
N GLN A 9 -1.15 -1.04 1.17
CA GLN A 9 -1.00 0.10 0.27
C GLN A 9 -1.80 1.30 0.78
N ASN A 10 -2.84 1.02 1.55
CA ASN A 10 -3.69 2.08 2.10
C ASN A 10 -2.90 2.98 3.04
N ARG A 11 -1.69 2.54 3.39
CA ARG A 11 -0.83 3.31 4.27
C ARG A 11 0.03 4.29 3.48
N ARG A 12 0.27 3.98 2.21
CA ARG A 12 1.07 4.83 1.35
C ARG A 12 0.26 5.31 0.15
N MET A 13 -0.99 5.69 0.40
CA MET A 13 -1.86 6.18 -0.66
C MET A 13 -1.14 7.18 -1.54
N LYS A 14 -0.98 8.40 -1.04
CA LYS A 14 -0.31 9.45 -1.79
C LYS A 14 1.18 9.49 -1.45
N TRP A 15 1.62 8.57 -0.60
CA TRP A 15 3.02 8.51 -0.19
C TRP A 15 3.91 8.16 -1.37
N LYS A 16 3.37 7.35 -2.29
CA LYS A 16 4.13 6.94 -3.47
C LYS A 16 4.57 8.15 -4.28
N LYS A 17 3.75 9.20 -4.27
CA LYS A 17 4.06 10.41 -5.01
C LYS A 17 4.88 11.37 -4.15
N ASP A 1 4.72 -9.87 0.66
CA ASP A 1 3.39 -10.41 0.43
C ASP A 1 2.44 -9.32 -0.06
N ARG A 2 1.66 -9.63 -1.09
CA ARG A 2 0.71 -8.67 -1.65
C ARG A 2 -0.71 -9.18 -1.51
N GLN A 3 -0.87 -10.50 -1.48
CA GLN A 3 -2.19 -11.12 -1.35
C GLN A 3 -2.93 -10.54 -0.15
N ILE A 4 -2.29 -10.58 1.02
CA ILE A 4 -2.90 -10.06 2.23
C ILE A 4 -2.73 -8.55 2.34
N LYS A 5 -1.70 -8.04 1.69
CA LYS A 5 -1.42 -6.60 1.70
C LYS A 5 -1.94 -5.93 0.43
N ILE A 6 -3.25 -5.70 0.39
CA ILE A 6 -3.88 -5.07 -0.77
C ILE A 6 -4.33 -3.66 -0.44
N TRP A 7 -4.76 -3.44 0.80
CA TRP A 7 -5.23 -2.13 1.24
C TRP A 7 -4.05 -1.29 1.74
N PHE A 8 -3.21 -1.89 2.58
CA PHE A 8 -2.06 -1.20 3.13
C PHE A 8 -0.95 -1.07 2.09
N GLN A 9 -1.15 -1.68 0.94
CA GLN A 9 -0.17 -1.64 -0.13
C GLN A 9 -0.19 -0.29 -0.84
N ASN A 10 -1.33 0.38 -0.79
CA ASN A 10 -1.48 1.70 -1.42
C ASN A 10 -0.52 2.70 -0.81
N ARG A 11 0.09 2.34 0.32
CA ARG A 11 1.03 3.22 1.00
C ARG A 11 2.35 3.28 0.25
N ARG A 12 2.62 2.27 -0.58
CA ARG A 12 3.84 2.21 -1.35
C ARG A 12 3.94 3.40 -2.30
N MET A 13 2.80 4.01 -2.60
CA MET A 13 2.77 5.17 -3.49
C MET A 13 2.27 6.40 -2.76
N LYS A 14 1.58 6.19 -1.64
CA LYS A 14 1.04 7.28 -0.84
C LYS A 14 2.12 7.87 0.07
N TRP A 15 3.32 8.02 -0.47
CA TRP A 15 4.44 8.57 0.29
C TRP A 15 4.61 10.06 0.02
N LYS A 16 4.29 10.46 -1.21
CA LYS A 16 4.41 11.87 -1.61
C LYS A 16 3.61 12.76 -0.69
N LYS A 17 2.50 12.24 -0.16
CA LYS A 17 1.64 12.99 0.74
C LYS A 17 2.38 13.30 2.05
N ASP A 1 -4.68 -6.24 -3.22
CA ASP A 1 -3.47 -6.34 -4.03
C ASP A 1 -3.05 -7.80 -4.20
N ARG A 2 -2.38 -8.34 -3.19
CA ARG A 2 -1.93 -9.72 -3.23
C ARG A 2 -2.51 -10.53 -2.07
N GLN A 3 -1.87 -10.46 -0.92
CA GLN A 3 -2.33 -11.19 0.26
C GLN A 3 -2.57 -10.24 1.42
N ILE A 4 -1.50 -9.82 2.08
CA ILE A 4 -1.59 -8.91 3.21
C ILE A 4 -1.16 -7.50 2.81
N LYS A 5 -0.40 -7.40 1.73
CA LYS A 5 0.08 -6.10 1.24
C LYS A 5 -1.09 -5.15 0.99
N ILE A 6 -2.29 -5.71 0.85
CA ILE A 6 -3.48 -4.91 0.61
C ILE A 6 -3.57 -3.76 1.61
N TRP A 7 -3.07 -3.98 2.81
CA TRP A 7 -3.09 -2.96 3.85
C TRP A 7 -1.97 -1.95 3.66
N PHE A 8 -0.76 -2.46 3.49
CA PHE A 8 0.41 -1.60 3.28
C PHE A 8 0.25 -0.77 2.01
N GLN A 9 -0.65 -1.20 1.13
CA GLN A 9 -0.90 -0.50 -0.12
C GLN A 9 -1.26 0.96 0.14
N ASN A 10 -1.85 1.22 1.30
CA ASN A 10 -2.25 2.58 1.65
C ASN A 10 -1.06 3.55 1.56
N ARG A 11 0.15 2.99 1.56
CA ARG A 11 1.36 3.80 1.47
C ARG A 11 2.18 3.41 0.25
N ARG A 12 1.50 2.97 -0.80
CA ARG A 12 2.17 2.56 -2.03
C ARG A 12 3.14 3.64 -2.50
N MET A 13 2.62 4.66 -3.16
CA MET A 13 3.44 5.75 -3.67
C MET A 13 2.98 7.09 -3.09
N LYS A 14 1.91 7.64 -3.66
CA LYS A 14 1.37 8.91 -3.20
C LYS A 14 0.11 8.70 -2.37
N TRP A 15 -0.10 7.47 -1.92
CA TRP A 15 -1.26 7.13 -1.11
C TRP A 15 -0.96 7.31 0.38
N LYS A 16 0.30 7.18 0.73
CA LYS A 16 0.73 7.32 2.13
C LYS A 16 0.28 8.67 2.69
N LYS A 17 0.25 9.68 1.85
CA LYS A 17 -0.16 11.02 2.26
C LYS A 17 -1.64 11.04 2.66
N ASP A 1 1.79 -6.24 4.05
CA ASP A 1 1.97 -7.64 4.42
C ASP A 1 1.73 -8.56 3.23
N ARG A 2 1.61 -9.85 3.50
CA ARG A 2 1.37 -10.84 2.45
C ARG A 2 -0.13 -11.08 2.26
N GLN A 3 -0.88 -10.97 3.35
CA GLN A 3 -2.33 -11.18 3.30
C GLN A 3 -2.99 -10.17 2.37
N ILE A 4 -2.81 -8.90 2.68
CA ILE A 4 -3.40 -7.82 1.86
C ILE A 4 -2.32 -6.90 1.32
N LYS A 5 -1.66 -7.33 0.25
CA LYS A 5 -0.60 -6.53 -0.37
C LYS A 5 -1.20 -5.39 -1.19
N ILE A 6 -2.34 -5.65 -1.82
CA ILE A 6 -3.01 -4.65 -2.63
C ILE A 6 -3.41 -3.44 -1.80
N TRP A 7 -3.74 -3.69 -0.54
CA TRP A 7 -4.14 -2.62 0.38
C TRP A 7 -2.96 -1.71 0.70
N PHE A 8 -1.89 -2.30 1.22
CA PHE A 8 -0.69 -1.54 1.57
C PHE A 8 -0.02 -0.97 0.33
N GLN A 9 -0.27 -1.60 -0.81
CA GLN A 9 0.32 -1.16 -2.07
C GLN A 9 -0.03 0.30 -2.36
N ASN A 10 -1.15 0.74 -1.79
CA ASN A 10 -1.60 2.12 -1.99
C ASN A 10 -0.57 3.11 -1.43
N ARG A 11 0.38 2.59 -0.67
CA ARG A 11 1.42 3.43 -0.08
C ARG A 11 2.42 3.87 -1.13
N ARG A 12 2.49 3.12 -2.23
CA ARG A 12 3.42 3.45 -3.32
C ARG A 12 3.12 4.82 -3.89
N MET A 13 1.90 5.30 -3.68
CA MET A 13 1.49 6.61 -4.18
C MET A 13 1.15 7.55 -3.02
N LYS A 14 0.87 6.98 -1.86
CA LYS A 14 0.54 7.77 -0.68
C LYS A 14 1.79 8.28 0.01
N TRP A 15 2.74 8.75 -0.80
CA TRP A 15 4.00 9.27 -0.26
C TRP A 15 3.80 10.69 0.28
N LYS A 16 2.76 11.36 -0.19
CA LYS A 16 2.47 12.72 0.25
C LYS A 16 2.43 12.80 1.77
N LYS A 17 1.82 11.80 2.40
CA LYS A 17 1.72 11.75 3.86
C LYS A 17 3.04 11.33 4.48
N ASP A 1 -5.48 -9.02 -1.71
CA ASP A 1 -5.79 -9.72 -2.95
C ASP A 1 -4.67 -9.57 -3.97
N ARG A 2 -3.54 -9.05 -3.51
CA ARG A 2 -2.38 -8.84 -4.38
C ARG A 2 -1.18 -9.63 -3.88
N GLN A 3 -0.55 -9.15 -2.81
CA GLN A 3 0.61 -9.79 -2.23
C GLN A 3 0.35 -10.19 -0.78
N ILE A 4 0.39 -9.21 0.11
CA ILE A 4 0.16 -9.45 1.53
C ILE A 4 -1.07 -8.68 2.02
N LYS A 5 -0.89 -7.39 2.26
CA LYS A 5 -1.98 -6.55 2.74
C LYS A 5 -2.25 -5.40 1.77
N ILE A 6 -3.11 -5.65 0.79
CA ILE A 6 -3.44 -4.64 -0.21
C ILE A 6 -3.91 -3.36 0.46
N TRP A 7 -4.57 -3.49 1.61
CA TRP A 7 -5.07 -2.34 2.35
C TRP A 7 -3.92 -1.44 2.79
N PHE A 8 -2.93 -2.04 3.46
CA PHE A 8 -1.77 -1.30 3.94
C PHE A 8 -0.82 -0.96 2.80
N GLN A 9 -0.97 -1.67 1.69
CA GLN A 9 -0.13 -1.45 0.51
C GLN A 9 -0.46 -0.11 -0.14
N ASN A 10 -1.69 0.34 0.05
CA ASN A 10 -2.14 1.61 -0.54
C ASN A 10 -1.29 2.77 -0.02
N ARG A 11 -0.51 2.51 1.03
CA ARG A 11 0.36 3.53 1.60
C ARG A 11 1.81 3.10 1.55
N ARG A 12 2.14 2.26 0.58
CA ARG A 12 3.51 1.78 0.42
C ARG A 12 4.29 2.63 -0.57
N MET A 13 3.57 3.18 -1.56
CA MET A 13 4.20 4.02 -2.58
C MET A 13 3.61 5.42 -2.55
N LYS A 14 2.41 5.55 -1.98
CA LYS A 14 1.74 6.84 -1.89
C LYS A 14 2.28 7.65 -0.71
N TRP A 15 3.60 7.65 -0.55
CA TRP A 15 4.23 8.38 0.54
C TRP A 15 4.46 9.84 0.14
N LYS A 16 4.62 10.08 -1.16
CA LYS A 16 4.85 11.43 -1.65
C LYS A 16 3.77 12.38 -1.16
N LYS A 17 2.58 11.84 -0.91
CA LYS A 17 1.46 12.65 -0.44
C LYS A 17 1.21 12.40 1.05
#